data_3E0F
#
_entry.id   3E0F
#
_cell.length_a   102.460
_cell.length_b   102.460
_cell.length_c   54.170
_cell.angle_alpha   90.000
_cell.angle_beta   90.000
_cell.angle_gamma   120.000
#
_symmetry.space_group_name_H-M   'P 65'
#
loop_
_entity.id
_entity.type
_entity.pdbx_description
1 polymer 'Putative Metal-dependent Phosphoesterase'
2 non-polymer 'ZINC ION'
3 non-polymer 'FE (III) ION'
4 non-polymer 'PHOSPHATE ION'
5 non-polymer 'ACETATE ION'
6 water water
#
_entity_poly.entity_id   1
_entity_poly.type   'polypeptide(L)'
_entity_poly.pdbx_seq_one_letter_code
;G(MSE)SHVSYAEPPAQGWDIHCHTVFSDGTETPRTLVEQARKLGLHGVAIADHDTTAGWDEATEASEEIGLPLLLGTEI
TAVDEDVSVH(MSE)LAFQYDPSNEHISS(MSE)FANTRAARLRRTKR(MSE)VERLSQDFPITWDDVLAQVKEGERTTI
GRPHIADALVAAGVYETRSDAFADAVSAKSKYYIPTPSPSTHEVIAAVKGAGGVVVAAHAGDPQRNRRLLSDEQLDA
(MSE)IADGLDGLEVWHRGNPPEQRERLLTIAARHDLLVTGGSDWHGKGKPNGLGENLTDDDTVREILCRGVDLIGRVGS
SHAA
;
_entity_poly.pdbx_strand_id   A
#
# COMPACT_ATOMS: atom_id res chain seq x y z
N GLU A 9 14.66 -9.33 -16.23
CA GLU A 9 14.54 -7.85 -16.15
C GLU A 9 14.02 -7.34 -14.82
N PRO A 10 13.20 -8.13 -14.10
CA PRO A 10 13.05 -7.87 -12.67
C PRO A 10 14.40 -7.96 -11.95
N PRO A 11 14.72 -6.96 -11.13
CA PRO A 11 16.00 -6.94 -10.41
C PRO A 11 16.20 -8.16 -9.53
N ALA A 12 17.37 -8.77 -9.62
CA ALA A 12 17.74 -9.89 -8.73
C ALA A 12 18.13 -9.38 -7.31
N GLN A 13 18.67 -8.17 -7.23
CA GLN A 13 18.92 -7.52 -5.97
C GLN A 13 18.50 -6.06 -5.97
N GLY A 14 18.23 -5.55 -4.77
CA GLY A 14 17.72 -4.22 -4.64
C GLY A 14 16.86 -4.07 -3.41
N TRP A 15 15.85 -3.25 -3.55
CA TRP A 15 15.02 -2.81 -2.45
C TRP A 15 13.61 -3.29 -2.62
N ASP A 16 12.97 -3.67 -1.54
CA ASP A 16 11.54 -4.00 -1.59
C ASP A 16 10.83 -2.79 -1.04
N ILE A 17 10.25 -1.99 -1.93
CA ILE A 17 9.68 -0.70 -1.53
C ILE A 17 8.15 -0.68 -1.32
N HIS A 18 7.57 -1.86 -1.12
CA HIS A 18 6.13 -1.99 -0.93
C HIS A 18 5.77 -3.06 0.16
N CYS A 19 5.85 -2.63 1.42
CA CYS A 19 5.67 -3.53 2.57
C CYS A 19 4.75 -2.90 3.58
N HIS A 20 3.82 -3.69 4.11
CA HIS A 20 2.86 -3.26 5.10
C HIS A 20 3.15 -3.86 6.49
N THR A 21 2.81 -3.08 7.52
CA THR A 21 3.01 -3.45 8.90
C THR A 21 1.69 -3.34 9.62
N VAL A 22 1.73 -3.59 10.92
CA VAL A 22 0.59 -3.49 11.82
C VAL A 22 -0.05 -2.11 11.87
N PHE A 23 0.67 -1.10 11.46
CA PHE A 23 0.10 0.24 11.35
C PHE A 23 -0.90 0.43 10.21
N SER A 24 -1.07 -0.60 9.37
CA SER A 24 -2.21 -0.73 8.47
C SER A 24 -2.65 -2.19 8.53
N ASP A 25 -2.46 -2.97 7.47
CA ASP A 25 -3.01 -4.33 7.40
C ASP A 25 -1.98 -5.44 7.29
N GLY A 26 -0.72 -5.15 7.59
CA GLY A 26 0.29 -6.18 7.73
C GLY A 26 0.23 -6.79 9.11
N THR A 27 0.96 -7.89 9.33
CA THR A 27 0.89 -8.59 10.62
C THR A 27 2.11 -8.35 11.51
N GLU A 28 3.12 -7.66 10.99
CA GLU A 28 4.40 -7.49 11.68
C GLU A 28 4.70 -6.03 11.96
N THR A 29 5.53 -5.79 12.97
CA THR A 29 6.02 -4.43 13.29
C THR A 29 7.02 -3.89 12.27
N PRO A 30 7.19 -2.55 12.22
CA PRO A 30 8.25 -1.98 11.38
C PRO A 30 9.66 -2.49 11.70
N ARG A 31 9.93 -2.79 12.98
N ARG A 31 9.94 -2.81 12.95
CA ARG A 31 11.20 -3.39 13.39
CA ARG A 31 11.24 -3.36 13.32
C ARG A 31 11.38 -4.75 12.72
C ARG A 31 11.41 -4.78 12.77
N THR A 32 10.35 -5.59 12.79
CA THR A 32 10.37 -6.93 12.18
C THR A 32 10.63 -6.86 10.67
N LEU A 33 9.97 -5.94 9.98
CA LEU A 33 10.20 -5.67 8.54
C LEU A 33 11.67 -5.37 8.28
N VAL A 34 12.25 -4.44 9.05
CA VAL A 34 13.62 -4.02 8.82
C VAL A 34 14.58 -5.17 9.09
N GLU A 35 14.36 -5.85 10.21
CA GLU A 35 15.15 -7.01 10.62
C GLU A 35 15.18 -8.10 9.55
N GLN A 36 13.99 -8.48 9.07
CA GLN A 36 13.87 -9.53 8.12
C GLN A 36 14.41 -9.13 6.75
N ALA A 37 14.12 -7.90 6.31
CA ALA A 37 14.62 -7.42 5.04
C ALA A 37 16.15 -7.49 5.02
N ARG A 38 16.80 -7.16 6.13
CA ARG A 38 18.24 -7.25 6.19
C ARG A 38 18.73 -8.67 6.06
N LYS A 39 18.10 -9.58 6.82
CA LYS A 39 18.44 -11.00 6.81
C LYS A 39 18.19 -11.69 5.48
N LEU A 40 17.29 -11.15 4.67
CA LEU A 40 16.99 -11.72 3.35
C LEU A 40 17.92 -11.16 2.30
N GLY A 41 18.89 -10.34 2.68
CA GLY A 41 19.87 -9.84 1.74
C GLY A 41 19.45 -8.60 0.99
N LEU A 42 18.36 -7.96 1.36
CA LEU A 42 17.89 -6.79 0.63
C LEU A 42 18.81 -5.59 0.91
N HIS A 43 18.90 -4.73 -0.11
CA HIS A 43 19.72 -3.55 -0.05
C HIS A 43 19.03 -2.46 0.77
N GLY A 44 17.73 -2.60 0.96
CA GLY A 44 16.93 -1.65 1.69
C GLY A 44 15.49 -2.05 1.56
N VAL A 45 14.63 -1.30 2.23
CA VAL A 45 13.21 -1.62 2.34
C VAL A 45 12.44 -0.31 2.44
N ALA A 46 11.17 -0.31 2.07
CA ALA A 46 10.27 0.82 2.32
C ALA A 46 9.11 0.37 3.18
N ILE A 47 8.67 1.22 4.07
CA ILE A 47 7.37 1.07 4.73
C ILE A 47 6.33 1.75 3.80
N ALA A 48 5.19 1.11 3.58
CA ALA A 48 4.17 1.60 2.61
C ALA A 48 2.74 1.34 3.12
N ASP A 49 2.48 1.78 4.33
CA ASP A 49 1.21 1.49 4.98
C ASP A 49 0.13 2.35 4.37
N HIS A 50 -1.10 1.83 4.37
CA HIS A 50 -2.25 2.55 3.88
C HIS A 50 -2.53 3.83 4.63
N ASP A 51 -2.48 4.93 3.87
CA ASP A 51 -3.03 6.24 4.26
C ASP A 51 -2.51 6.70 5.60
N THR A 52 -1.21 6.50 5.83
CA THR A 52 -0.61 6.83 7.10
C THR A 52 0.89 6.92 7.06
N THR A 53 1.42 7.70 8.00
CA THR A 53 2.84 7.72 8.28
C THR A 53 3.10 7.24 9.73
N ALA A 54 2.15 6.54 10.35
CA ALA A 54 2.26 6.24 11.79
C ALA A 54 3.50 5.38 12.13
N GLY A 55 3.89 4.49 11.23
CA GLY A 55 5.03 3.62 11.46
C GLY A 55 6.39 4.16 11.07
N TRP A 56 6.41 5.38 10.58
CA TRP A 56 7.66 5.97 10.09
C TRP A 56 8.70 6.10 11.19
N ASP A 57 8.31 6.52 12.39
CA ASP A 57 9.32 6.69 13.46
C ASP A 57 9.88 5.36 13.92
N GLU A 58 9.01 4.36 14.16
CA GLU A 58 9.50 3.01 14.43
C GLU A 58 10.37 2.45 13.30
N ALA A 59 9.97 2.70 12.05
CA ALA A 59 10.73 2.19 10.93
C ALA A 59 12.15 2.80 10.90
N THR A 60 12.21 4.10 11.09
CA THR A 60 13.46 4.83 11.10
C THR A 60 14.38 4.37 12.24
N GLU A 61 13.84 4.26 13.46
CA GLU A 61 14.62 3.73 14.59
C GLU A 61 15.21 2.38 14.24
N ALA A 62 14.38 1.47 13.72
CA ALA A 62 14.82 0.12 13.43
C ALA A 62 15.91 0.16 12.34
N SER A 63 15.73 1.02 11.35
CA SER A 63 16.71 1.14 10.28
C SER A 63 18.10 1.53 10.78
N GLU A 64 18.14 2.47 11.73
CA GLU A 64 19.39 2.90 12.36
C GLU A 64 19.98 1.83 13.28
N GLU A 65 19.17 1.12 14.04
CA GLU A 65 19.71 0.11 14.94
C GLU A 65 20.20 -1.10 14.19
N ILE A 66 19.45 -1.51 13.17
CA ILE A 66 19.76 -2.70 12.40
C ILE A 66 20.74 -2.39 11.24
N GLY A 67 20.80 -1.13 10.82
CA GLY A 67 21.66 -0.75 9.70
C GLY A 67 21.16 -1.29 8.38
N LEU A 68 19.91 -0.97 8.03
CA LEU A 68 19.38 -1.25 6.70
C LEU A 68 18.83 0.06 6.20
N PRO A 69 19.24 0.50 5.02
CA PRO A 69 18.62 1.68 4.39
C PRO A 69 17.10 1.56 4.25
N LEU A 70 16.40 2.68 4.41
CA LEU A 70 14.97 2.73 4.50
C LEU A 70 14.41 3.87 3.69
N LEU A 71 13.34 3.57 2.95
CA LEU A 71 12.56 4.56 2.24
C LEU A 71 11.26 4.73 3.05
N LEU A 72 10.85 5.96 3.29
CA LEU A 72 9.67 6.23 4.07
C LEU A 72 8.51 6.46 3.11
N GLY A 73 7.47 5.64 3.20
CA GLY A 73 6.38 5.70 2.24
C GLY A 73 5.01 5.38 2.76
N THR A 74 4.04 5.45 1.86
CA THR A 74 2.63 5.34 2.20
C THR A 74 1.92 4.88 0.97
N GLU A 75 1.00 3.94 1.07
CA GLU A 75 0.14 3.57 -0.04
C GLU A 75 -1.20 4.29 0.13
N ILE A 76 -1.59 5.04 -0.90
CA ILE A 76 -2.77 5.88 -0.87
C ILE A 76 -3.77 5.28 -1.84
N THR A 77 -4.99 4.99 -1.37
N THR A 77 -4.98 5.08 -1.34
CA THR A 77 -6.04 4.57 -2.30
CA THR A 77 -6.12 4.67 -2.16
C THR A 77 -6.63 5.80 -2.96
C THR A 77 -6.64 5.86 -2.96
N ALA A 78 -6.84 5.69 -4.26
CA ALA A 78 -7.32 6.76 -5.10
C ALA A 78 -8.29 6.15 -6.09
N VAL A 79 -8.99 7.01 -6.83
N VAL A 79 -9.04 7.01 -6.80
CA VAL A 79 -9.89 6.58 -7.89
CA VAL A 79 -9.91 6.60 -7.88
C VAL A 79 -9.70 7.44 -9.15
C VAL A 79 -9.66 7.43 -9.15
N ASP A 80 -9.89 6.83 -10.31
CA ASP A 80 -9.78 7.54 -11.58
C ASP A 80 -10.88 6.98 -12.45
N GLU A 81 -11.91 7.80 -12.69
CA GLU A 81 -13.12 7.36 -13.38
C GLU A 81 -13.68 6.17 -12.63
N ASP A 82 -13.84 5.02 -13.25
CA ASP A 82 -14.41 3.90 -12.50
C ASP A 82 -13.31 3.06 -11.80
N VAL A 83 -12.03 3.40 -12.05
CA VAL A 83 -10.95 2.52 -11.64
C VAL A 83 -10.38 2.89 -10.27
N SER A 84 -10.33 1.90 -9.40
CA SER A 84 -9.63 1.99 -8.12
C SER A 84 -8.11 1.88 -8.36
N VAL A 85 -7.35 2.86 -7.85
CA VAL A 85 -5.92 3.00 -8.12
C VAL A 85 -5.15 3.15 -6.79
N HIS A 86 -4.07 2.39 -6.63
CA HIS A 86 -3.28 2.54 -5.42
C HIS A 86 -1.96 3.23 -5.78
N LEU A 88 1.85 4.59 -4.43
CA LEU A 88 2.92 4.61 -3.47
C LEU A 88 3.48 6.03 -3.44
N ALA A 89 3.53 6.60 -2.24
CA ALA A 89 4.06 7.94 -2.00
C ALA A 89 5.29 7.76 -1.15
N PHE A 90 6.45 8.20 -1.64
CA PHE A 90 7.70 8.07 -0.90
C PHE A 90 8.31 9.42 -0.63
N GLN A 91 8.92 9.54 0.55
CA GLN A 91 9.87 10.63 0.87
C GLN A 91 9.27 11.99 0.68
N TYR A 92 8.09 12.17 1.29
CA TYR A 92 7.40 13.44 1.40
C TYR A 92 7.43 13.94 2.84
N ASP A 93 7.08 15.21 3.02
CA ASP A 93 7.05 15.85 4.33
C ASP A 93 5.83 15.36 5.06
N PRO A 94 6.00 14.57 6.14
CA PRO A 94 4.80 14.00 6.77
C PRO A 94 3.96 15.01 7.55
N SER A 95 4.51 16.19 7.81
CA SER A 95 3.78 17.27 8.47
C SER A 95 3.11 18.18 7.46
N ASN A 96 3.22 17.88 6.17
CA ASN A 96 2.47 18.62 5.19
C ASN A 96 0.98 18.54 5.56
N GLU A 97 0.37 19.71 5.72
CA GLU A 97 -1.02 19.87 6.19
C GLU A 97 -2.02 19.24 5.22
N HIS A 98 -1.83 19.46 3.93
CA HIS A 98 -2.79 19.04 2.95
C HIS A 98 -2.84 17.52 2.90
N ILE A 99 -1.67 16.87 2.83
CA ILE A 99 -1.61 15.41 2.79
C ILE A 99 -2.08 14.78 4.11
N SER A 100 -1.78 15.40 5.24
CA SER A 100 -2.29 14.90 6.54
C SER A 100 -3.81 14.99 6.65
N SER A 101 -4.38 16.09 6.16
CA SER A 101 -5.85 16.24 6.16
C SER A 101 -6.51 15.19 5.34
N PHE A 103 -5.18 12.20 4.49
CA PHE A 103 -5.11 10.88 5.16
C PHE A 103 -6.17 10.77 6.26
N ALA A 104 -6.33 11.86 7.03
CA ALA A 104 -7.33 11.92 8.11
C ALA A 104 -8.75 11.70 7.56
N ASN A 105 -9.06 12.30 6.43
CA ASN A 105 -10.37 12.17 5.84
C ASN A 105 -10.57 10.78 5.32
N THR A 106 -9.57 10.26 4.63
CA THR A 106 -9.63 8.89 4.11
C THR A 106 -9.78 7.88 5.23
N ARG A 107 -9.01 8.04 6.30
N ARG A 107 -9.03 8.04 6.31
CA ARG A 107 -9.07 7.14 7.45
CA ARG A 107 -9.10 7.10 7.43
C ARG A 107 -10.46 7.18 8.09
C ARG A 107 -10.46 7.18 8.15
N ALA A 108 -11.03 8.38 8.25
CA ALA A 108 -12.34 8.53 8.88
C ALA A 108 -13.43 7.86 8.02
N ALA A 109 -13.35 8.04 6.72
CA ALA A 109 -14.34 7.50 5.80
C ALA A 109 -14.27 5.97 5.81
N ARG A 110 -13.04 5.44 5.82
CA ARG A 110 -12.79 4.01 5.86
C ARG A 110 -13.19 3.35 7.21
N LEU A 111 -13.01 4.06 8.32
CA LEU A 111 -13.58 3.62 9.61
C LEU A 111 -15.11 3.52 9.63
N ARG A 112 -15.79 4.55 9.13
N ARG A 112 -15.80 4.53 9.11
CA ARG A 112 -17.26 4.53 9.05
CA ARG A 112 -17.26 4.53 9.07
C ARG A 112 -17.76 3.37 8.20
C ARG A 112 -17.79 3.39 8.19
N ARG A 113 -17.08 3.16 7.08
CA ARG A 113 -17.41 2.13 6.11
C ARG A 113 -17.22 0.71 6.69
N THR A 114 -16.13 0.52 7.43
CA THR A 114 -15.79 -0.76 8.00
C THR A 114 -16.76 -1.13 9.13
N LYS A 115 -17.15 -0.18 9.94
CA LYS A 115 -18.15 -0.40 10.97
C LYS A 115 -19.51 -0.74 10.35
N ARG A 116 -19.85 -0.11 9.24
CA ARG A 116 -21.11 -0.41 8.56
C ARG A 116 -21.09 -1.83 7.98
N VAL A 118 -19.19 -4.44 9.20
CA VAL A 118 -19.23 -5.38 10.30
C VAL A 118 -20.66 -5.49 10.82
N GLU A 119 -21.36 -4.35 10.94
CA GLU A 119 -22.76 -4.37 11.37
C GLU A 119 -23.63 -5.24 10.44
N ARG A 120 -23.37 -5.20 9.13
CA ARG A 120 -24.09 -6.06 8.17
C ARG A 120 -23.71 -7.54 8.26
N LEU A 121 -22.42 -7.81 8.22
CA LEU A 121 -21.89 -9.15 8.39
C LEU A 121 -22.35 -9.80 9.71
N SER A 122 -22.48 -9.00 10.77
CA SER A 122 -22.87 -9.51 12.09
C SER A 122 -24.23 -10.18 12.08
N GLN A 123 -25.10 -9.81 11.14
CA GLN A 123 -26.42 -10.44 11.01
C GLN A 123 -26.30 -11.91 10.57
N ASP A 124 -25.23 -12.26 9.87
CA ASP A 124 -25.07 -13.59 9.30
C ASP A 124 -23.84 -14.35 9.82
N PHE A 125 -22.88 -13.64 10.39
CA PHE A 125 -21.60 -14.23 10.80
C PHE A 125 -21.33 -13.94 12.27
N PRO A 126 -20.64 -14.87 12.95
CA PRO A 126 -20.19 -14.64 14.33
C PRO A 126 -19.05 -13.64 14.43
N ILE A 127 -19.37 -12.35 14.23
CA ILE A 127 -18.37 -11.29 14.16
C ILE A 127 -18.95 -10.09 14.88
N THR A 128 -18.14 -9.41 15.68
CA THR A 128 -18.55 -8.15 16.30
C THR A 128 -17.48 -7.11 16.04
N TRP A 129 -17.79 -5.87 16.38
CA TRP A 129 -16.81 -4.82 16.28
C TRP A 129 -15.59 -5.08 17.13
N ASP A 130 -15.79 -5.59 18.34
CA ASP A 130 -14.66 -5.95 19.19
C ASP A 130 -13.76 -7.02 18.57
N ASP A 131 -14.35 -7.95 17.82
CA ASP A 131 -13.57 -8.97 17.15
C ASP A 131 -12.68 -8.34 16.10
N VAL A 132 -13.18 -7.30 15.43
CA VAL A 132 -12.41 -6.58 14.43
C VAL A 132 -11.27 -5.83 15.14
N LEU A 133 -11.59 -5.16 16.26
CA LEU A 133 -10.58 -4.39 16.98
C LEU A 133 -9.49 -5.28 17.58
N ALA A 134 -9.84 -6.51 17.95
CA ALA A 134 -8.82 -7.45 18.41
C ALA A 134 -7.78 -7.72 17.31
N GLN A 135 -8.14 -7.41 16.05
CA GLN A 135 -7.24 -7.57 14.90
C GLN A 135 -6.47 -6.30 14.55
N VAL A 136 -6.90 -5.17 15.11
CA VAL A 136 -6.23 -3.90 14.92
C VAL A 136 -5.11 -3.82 15.95
N LYS A 137 -3.86 -3.86 15.49
CA LYS A 137 -2.75 -4.11 16.43
C LYS A 137 -2.04 -2.88 16.99
N GLU A 138 -2.29 -1.69 16.44
CA GLU A 138 -1.63 -0.48 16.94
C GLU A 138 -2.62 0.60 17.39
N GLY A 139 -3.85 0.16 17.67
CA GLY A 139 -4.86 1.02 18.24
C GLY A 139 -5.32 2.07 17.27
N GLU A 140 -5.31 3.32 17.72
CA GLU A 140 -5.78 4.43 16.91
C GLU A 140 -4.76 4.78 15.84
N ARG A 141 -3.55 4.23 15.94
CA ARG A 141 -2.56 4.42 14.90
C ARG A 141 -2.58 3.39 13.76
N THR A 142 -3.47 2.41 13.82
CA THR A 142 -3.70 1.50 12.71
C THR A 142 -4.77 2.05 11.77
N THR A 143 -4.47 2.03 10.48
CA THR A 143 -5.49 2.29 9.47
C THR A 143 -6.36 1.05 9.37
N ILE A 144 -7.60 1.16 9.85
CA ILE A 144 -8.54 0.05 9.96
C ILE A 144 -9.19 -0.08 8.64
N GLY A 145 -9.49 -1.31 8.26
CA GLY A 145 -10.00 -1.62 6.94
C GLY A 145 -10.52 -3.04 6.79
N ARG A 146 -10.90 -3.35 5.55
CA ARG A 146 -11.37 -4.65 5.12
C ARG A 146 -10.55 -5.86 5.63
N PRO A 147 -9.19 -5.79 5.58
CA PRO A 147 -8.38 -6.93 6.04
C PRO A 147 -8.56 -7.27 7.52
N HIS A 148 -8.98 -6.30 8.32
CA HIS A 148 -9.25 -6.54 9.74
C HIS A 148 -10.59 -7.23 9.96
N ILE A 149 -11.54 -6.98 9.06
CA ILE A 149 -12.76 -7.77 9.05
C ILE A 149 -12.41 -9.20 8.67
N ALA A 150 -11.67 -9.36 7.59
CA ALA A 150 -11.26 -10.70 7.11
C ALA A 150 -10.55 -11.52 8.18
N ASP A 151 -9.58 -10.91 8.86
CA ASP A 151 -8.88 -11.52 9.99
C ASP A 151 -9.83 -11.91 11.12
N ALA A 152 -10.79 -11.05 11.43
CA ALA A 152 -11.80 -11.36 12.46
C ALA A 152 -12.58 -12.63 12.07
N LEU A 153 -12.88 -12.79 10.79
CA LEU A 153 -13.64 -13.93 10.29
C LEU A 153 -12.77 -15.19 10.29
N VAL A 154 -11.47 -15.03 10.00
CA VAL A 154 -10.51 -16.13 10.15
C VAL A 154 -10.42 -16.55 11.62
N ALA A 155 -10.34 -15.59 12.54
CA ALA A 155 -10.23 -15.85 13.98
C ALA A 155 -11.49 -16.50 14.54
N ALA A 156 -12.64 -16.15 13.96
CA ALA A 156 -13.93 -16.78 14.28
C ALA A 156 -14.14 -18.13 13.58
N GLY A 157 -13.17 -18.54 12.78
CA GLY A 157 -13.25 -19.82 12.09
C GLY A 157 -14.20 -19.86 10.91
N VAL A 158 -14.60 -18.72 10.36
CA VAL A 158 -15.45 -18.70 9.18
C VAL A 158 -14.65 -19.06 7.93
N TYR A 159 -13.42 -18.56 7.83
CA TYR A 159 -12.51 -18.84 6.72
C TYR A 159 -11.14 -19.31 7.21
N GLU A 160 -10.42 -20.05 6.37
CA GLU A 160 -9.05 -20.50 6.68
C GLU A 160 -8.09 -19.31 6.60
N THR A 161 -8.14 -18.58 5.49
N THR A 161 -8.14 -18.59 5.48
CA THR A 161 -7.26 -17.43 5.29
CA THR A 161 -7.28 -17.43 5.26
C THR A 161 -8.03 -16.15 4.95
C THR A 161 -8.05 -16.13 5.03
N ARG A 162 -7.32 -15.03 5.04
CA ARG A 162 -7.82 -13.72 4.70
C ARG A 162 -8.19 -13.66 3.21
N SER A 163 -7.46 -14.42 2.41
CA SER A 163 -7.71 -14.56 0.97
C SER A 163 -9.08 -15.15 0.70
N ASP A 164 -9.41 -16.19 1.44
CA ASP A 164 -10.69 -16.85 1.34
C ASP A 164 -11.82 -15.85 1.65
N ALA A 165 -11.62 -15.04 2.70
CA ALA A 165 -12.62 -14.07 3.14
C ALA A 165 -12.89 -13.02 2.07
N PHE A 166 -11.82 -12.50 1.45
CA PHE A 166 -11.90 -11.58 0.30
C PHE A 166 -12.51 -12.19 -0.98
N ALA A 167 -12.47 -13.52 -1.10
CA ALA A 167 -13.11 -14.24 -2.21
C ALA A 167 -14.64 -14.44 -2.00
N ASP A 168 -15.14 -14.07 -0.82
CA ASP A 168 -16.50 -14.39 -0.40
C ASP A 168 -17.16 -13.20 0.35
N ALA A 169 -17.34 -13.29 1.67
CA ALA A 169 -18.10 -12.28 2.43
C ALA A 169 -17.60 -10.85 2.29
N VAL A 170 -16.28 -10.69 2.31
CA VAL A 170 -15.63 -9.39 2.39
C VAL A 170 -15.30 -8.86 0.96
N SER A 171 -15.53 -9.74 -0.03
CA SER A 171 -15.43 -9.46 -1.45
C SER A 171 -16.19 -8.22 -1.92
N ALA A 172 -15.63 -7.52 -2.91
CA ALA A 172 -16.30 -6.38 -3.56
C ALA A 172 -17.64 -6.74 -4.19
N LYS A 173 -17.81 -8.00 -4.59
CA LYS A 173 -19.09 -8.45 -5.15
C LYS A 173 -20.20 -8.69 -4.11
N SER A 174 -19.86 -8.90 -2.85
CA SER A 174 -20.88 -9.36 -1.88
C SER A 174 -21.87 -8.28 -1.44
N LYS A 175 -22.96 -8.73 -0.85
CA LYS A 175 -23.99 -7.81 -0.35
C LYS A 175 -23.56 -7.06 0.92
N TYR A 176 -22.41 -7.41 1.49
CA TYR A 176 -21.90 -6.73 2.67
C TYR A 176 -20.94 -5.62 2.29
N TYR A 177 -20.36 -5.72 1.11
CA TYR A 177 -19.42 -4.73 0.66
C TYR A 177 -20.04 -3.34 0.55
N ILE A 178 -19.38 -2.37 1.16
CA ILE A 178 -19.66 -0.98 0.95
C ILE A 178 -18.36 -0.43 0.37
N PRO A 179 -18.42 0.43 -0.65
CA PRO A 179 -17.17 1.04 -1.12
C PRO A 179 -16.75 2.27 -0.29
N THR A 180 -15.43 2.49 -0.14
CA THR A 180 -14.89 3.68 0.54
C THR A 180 -14.74 4.83 -0.45
N PRO A 181 -15.17 6.03 -0.08
CA PRO A 181 -14.85 7.15 -0.98
C PRO A 181 -13.35 7.46 -0.94
N SER A 182 -12.76 7.82 -2.08
CA SER A 182 -11.33 8.04 -2.16
C SER A 182 -11.09 9.28 -2.96
N PRO A 183 -9.96 9.96 -2.73
CA PRO A 183 -9.64 11.10 -3.55
C PRO A 183 -9.24 10.64 -4.96
N SER A 184 -9.34 11.54 -5.93
CA SER A 184 -8.90 11.24 -7.26
C SER A 184 -7.39 11.09 -7.31
N THR A 185 -6.94 10.41 -8.35
CA THR A 185 -5.53 10.23 -8.57
C THR A 185 -4.86 11.57 -8.79
N HIS A 186 -5.60 12.50 -9.40
CA HIS A 186 -5.09 13.85 -9.65
C HIS A 186 -4.88 14.62 -8.34
N GLU A 187 -5.84 14.48 -7.41
CA GLU A 187 -5.76 15.06 -6.07
C GLU A 187 -4.55 14.44 -5.35
N VAL A 188 -4.44 13.12 -5.30
CA VAL A 188 -3.30 12.46 -4.64
C VAL A 188 -1.93 12.86 -5.21
N ILE A 189 -1.79 12.85 -6.53
CA ILE A 189 -0.52 13.21 -7.15
C ILE A 189 -0.14 14.67 -6.83
N ALA A 190 -1.08 15.59 -6.96
CA ALA A 190 -0.84 16.97 -6.58
C ALA A 190 -0.43 17.10 -5.09
N ALA A 191 -1.10 16.34 -4.23
CA ALA A 191 -0.80 16.35 -2.80
C ALA A 191 0.62 15.78 -2.49
N VAL A 192 1.01 14.69 -3.13
CA VAL A 192 2.29 14.06 -2.83
C VAL A 192 3.42 14.92 -3.34
N LYS A 193 3.26 15.45 -4.55
CA LYS A 193 4.29 16.31 -5.11
C LYS A 193 4.38 17.60 -4.29
N GLY A 194 3.23 18.16 -3.91
CA GLY A 194 3.18 19.30 -3.01
C GLY A 194 3.93 19.09 -1.72
N ALA A 195 3.88 17.86 -1.20
CA ALA A 195 4.54 17.49 0.04
C ALA A 195 5.99 17.13 -0.21
N GLY A 196 6.47 17.30 -1.44
CA GLY A 196 7.87 17.12 -1.80
C GLY A 196 8.23 15.68 -2.16
N GLY A 197 7.22 14.85 -2.36
CA GLY A 197 7.42 13.44 -2.51
C GLY A 197 7.49 12.92 -3.94
N VAL A 198 7.67 11.61 -4.03
CA VAL A 198 7.71 10.83 -5.28
C VAL A 198 6.51 9.88 -5.29
N VAL A 199 5.76 9.92 -6.38
CA VAL A 199 4.52 9.16 -6.45
C VAL A 199 4.61 8.11 -7.58
N VAL A 200 4.31 6.85 -7.23
CA VAL A 200 4.32 5.72 -8.14
C VAL A 200 2.95 5.03 -8.18
N ALA A 201 2.44 4.74 -9.38
CA ALA A 201 1.21 3.96 -9.54
C ALA A 201 1.50 2.50 -9.18
N ALA A 202 0.85 2.00 -8.15
CA ALA A 202 1.06 0.65 -7.64
C ALA A 202 0.22 -0.35 -8.43
N HIS A 203 0.83 -1.51 -8.74
CA HIS A 203 0.19 -2.64 -9.46
C HIS A 203 -0.91 -2.25 -10.48
N ALA A 204 -0.58 -1.37 -11.41
CA ALA A 204 -1.58 -0.83 -12.35
C ALA A 204 -2.02 -1.84 -13.40
N GLY A 205 -1.29 -2.94 -13.50
CA GLY A 205 -1.67 -4.06 -14.36
C GLY A 205 -2.50 -5.15 -13.71
N ASP A 206 -2.92 -4.96 -12.45
CA ASP A 206 -3.61 -5.99 -11.66
C ASP A 206 -5.17 -5.91 -11.79
N PRO A 207 -5.78 -6.91 -12.50
CA PRO A 207 -7.23 -6.98 -12.73
C PRO A 207 -8.08 -7.71 -11.63
N GLN A 208 -7.47 -7.96 -10.46
CA GLN A 208 -8.24 -8.22 -9.23
C GLN A 208 -8.66 -6.86 -8.66
N ARG A 209 -9.84 -6.82 -8.01
CA ARG A 209 -10.45 -5.57 -7.50
C ARG A 209 -11.28 -4.85 -8.56
N ASN A 210 -10.60 -4.44 -9.64
CA ASN A 210 -11.23 -3.68 -10.74
C ASN A 210 -11.85 -4.52 -11.87
N ARG A 211 -12.98 -4.08 -12.40
CA ARG A 211 -13.49 -4.64 -13.65
C ARG A 211 -12.59 -4.27 -14.87
N ARG A 212 -11.78 -3.21 -14.74
CA ARG A 212 -10.86 -2.81 -15.82
C ARG A 212 -9.66 -2.04 -15.28
N LEU A 213 -8.55 -2.12 -16.01
CA LEU A 213 -7.33 -1.42 -15.65
C LEU A 213 -7.38 0.02 -16.13
N LEU A 214 -6.51 0.86 -15.57
CA LEU A 214 -6.27 2.19 -16.07
C LEU A 214 -5.86 2.08 -17.50
N SER A 215 -6.34 3.02 -18.30
CA SER A 215 -5.98 3.07 -19.70
C SER A 215 -4.72 3.88 -19.88
N ASP A 216 -4.16 3.85 -21.08
CA ASP A 216 -2.99 4.69 -21.46
C ASP A 216 -3.31 6.17 -21.28
N GLU A 217 -4.54 6.56 -21.64
CA GLU A 217 -4.98 7.96 -21.51
C GLU A 217 -5.10 8.41 -20.03
N GLN A 218 -5.68 7.57 -19.19
CA GLN A 218 -5.70 7.87 -17.77
C GLN A 218 -4.26 8.02 -17.26
N LEU A 219 -3.37 7.13 -17.70
CA LEU A 219 -1.97 7.19 -17.24
C LEU A 219 -1.26 8.44 -17.76
N ASP A 220 -1.55 8.83 -19.00
CA ASP A 220 -0.97 10.04 -19.58
C ASP A 220 -1.34 11.26 -18.74
N ALA A 221 -2.61 11.35 -18.35
CA ALA A 221 -3.11 12.45 -17.54
C ALA A 221 -2.46 12.43 -16.16
N ILE A 223 0.63 11.22 -15.57
CA ILE A 223 1.98 11.70 -15.89
C ILE A 223 2.05 13.26 -15.98
N ALA A 224 1.06 13.86 -16.65
CA ALA A 224 0.92 15.33 -16.74
C ALA A 224 0.65 15.98 -15.38
N ASP A 225 0.02 15.25 -14.45
CA ASP A 225 -0.19 15.75 -13.09
C ASP A 225 1.09 15.75 -12.27
N GLY A 226 2.08 14.95 -12.67
CA GLY A 226 3.31 14.75 -11.93
C GLY A 226 3.68 13.33 -11.52
N LEU A 227 3.02 12.29 -12.07
CA LEU A 227 3.39 10.90 -11.73
C LEU A 227 4.86 10.64 -12.02
N ASP A 228 5.59 10.09 -11.04
CA ASP A 228 7.03 9.80 -11.17
C ASP A 228 7.33 8.39 -11.75
N GLY A 229 6.53 7.40 -11.38
CA GLY A 229 6.80 6.04 -11.81
C GLY A 229 5.67 5.07 -11.79
N LEU A 230 5.98 3.84 -12.19
CA LEU A 230 5.02 2.74 -12.26
C LEU A 230 5.63 1.54 -11.56
N GLU A 231 4.86 0.86 -10.72
CA GLU A 231 5.30 -0.40 -10.15
C GLU A 231 5.02 -1.48 -11.19
N VAL A 232 6.10 -2.00 -11.78
CA VAL A 232 6.02 -3.02 -12.78
C VAL A 232 6.21 -4.40 -12.17
N TRP A 233 7.21 -4.56 -11.32
CA TRP A 233 7.54 -5.89 -10.79
C TRP A 233 6.70 -6.12 -9.54
N HIS A 234 5.55 -6.73 -9.77
CA HIS A 234 4.60 -7.01 -8.72
C HIS A 234 3.83 -8.24 -9.17
N ARG A 235 3.55 -9.14 -8.24
CA ARG A 235 2.91 -10.40 -8.62
C ARG A 235 1.55 -10.24 -9.27
N GLY A 236 0.86 -9.15 -9.00
CA GLY A 236 -0.42 -8.92 -9.65
C GLY A 236 -0.39 -8.45 -11.10
N ASN A 237 0.78 -8.06 -11.61
CA ASN A 237 0.93 -7.59 -13.00
C ASN A 237 1.32 -8.72 -13.86
N PRO A 238 0.42 -9.20 -14.72
CA PRO A 238 0.84 -10.26 -15.64
C PRO A 238 1.89 -9.81 -16.68
N PRO A 239 2.55 -10.79 -17.33
CA PRO A 239 3.57 -10.52 -18.34
C PRO A 239 3.20 -9.47 -19.40
N GLU A 240 2.00 -9.54 -19.97
CA GLU A 240 1.62 -8.62 -21.04
C GLU A 240 1.45 -7.21 -20.51
N GLN A 241 1.02 -7.11 -19.26
CA GLN A 241 0.92 -5.80 -18.63
C GLN A 241 2.28 -5.24 -18.24
N ARG A 242 3.23 -6.08 -17.83
CA ARG A 242 4.58 -5.61 -17.53
C ARG A 242 5.24 -5.01 -18.76
N GLU A 243 5.03 -5.60 -19.93
CA GLU A 243 5.64 -5.04 -21.16
C GLU A 243 4.95 -3.73 -21.57
N ARG A 244 3.64 -3.68 -21.37
CA ARG A 244 2.85 -2.49 -21.66
C ARG A 244 3.34 -1.33 -20.80
N LEU A 245 3.44 -1.59 -19.50
CA LEU A 245 3.86 -0.60 -18.51
C LEU A 245 5.35 -0.22 -18.66
N LEU A 246 6.22 -1.18 -18.97
CA LEU A 246 7.63 -0.87 -19.27
C LEU A 246 7.70 0.06 -20.47
N THR A 247 6.84 -0.17 -21.46
CA THR A 247 6.81 0.67 -22.68
C THR A 247 6.39 2.10 -22.38
N ILE A 248 5.37 2.25 -21.55
CA ILE A 248 4.89 3.56 -21.17
C ILE A 248 5.96 4.27 -20.38
N ALA A 249 6.61 3.54 -19.47
CA ALA A 249 7.67 4.09 -18.61
C ALA A 249 8.86 4.60 -19.43
N ALA A 250 9.29 3.80 -20.39
CA ALA A 250 10.39 4.14 -21.29
C ALA A 250 10.03 5.37 -22.09
N ARG A 251 8.78 5.40 -22.57
CA ARG A 251 8.30 6.49 -23.44
C ARG A 251 8.27 7.86 -22.75
N HIS A 252 7.83 7.87 -21.50
CA HIS A 252 7.66 9.11 -20.74
C HIS A 252 8.76 9.27 -19.71
N ASP A 253 9.72 8.34 -19.69
CA ASP A 253 10.91 8.48 -18.86
C ASP A 253 10.56 8.37 -17.37
N LEU A 254 9.78 7.36 -17.04
CA LEU A 254 9.24 7.21 -15.71
C LEU A 254 10.09 6.23 -14.93
N LEU A 255 10.00 6.30 -13.62
CA LEU A 255 10.68 5.31 -12.81
C LEU A 255 9.92 3.97 -12.85
N VAL A 256 10.68 2.89 -12.77
CA VAL A 256 10.16 1.55 -12.77
C VAL A 256 10.52 0.91 -11.43
N THR A 257 9.49 0.55 -10.66
CA THR A 257 9.69 -0.01 -9.34
C THR A 257 9.10 -1.41 -9.21
N GLY A 258 9.48 -2.07 -8.13
CA GLY A 258 8.96 -3.37 -7.78
C GLY A 258 8.88 -3.49 -6.26
N GLY A 259 8.12 -4.46 -5.82
CA GLY A 259 7.83 -4.59 -4.39
C GLY A 259 7.02 -5.83 -4.17
N SER A 260 7.08 -6.35 -2.95
CA SER A 260 6.44 -7.61 -2.63
C SER A 260 4.98 -7.42 -2.29
N ASP A 261 4.60 -6.26 -1.77
CA ASP A 261 3.26 -6.05 -1.23
C ASP A 261 3.01 -6.96 -0.01
N TRP A 262 4.10 -7.19 0.70
CA TRP A 262 4.13 -8.05 1.84
C TRP A 262 3.19 -7.51 2.88
N HIS A 263 2.39 -8.41 3.43
CA HIS A 263 1.57 -8.12 4.56
C HIS A 263 1.89 -9.10 5.66
N GLY A 264 3.11 -9.63 5.66
CA GLY A 264 3.47 -10.68 6.60
C GLY A 264 2.56 -11.87 6.39
N LYS A 265 1.97 -12.37 7.47
CA LYS A 265 1.10 -13.57 7.38
C LYS A 265 -0.26 -13.34 6.70
N GLY A 266 -0.63 -12.08 6.50
CA GLY A 266 -1.94 -11.73 5.99
C GLY A 266 -2.08 -12.00 4.49
N LYS A 267 -0.96 -12.31 3.83
CA LYS A 267 -0.92 -12.59 2.40
C LYS A 267 0.16 -13.62 2.11
N PRO A 268 0.04 -14.32 0.98
CA PRO A 268 1.09 -15.24 0.54
C PRO A 268 2.38 -14.55 0.07
N ASN A 269 2.30 -13.25 -0.28
CA ASN A 269 3.42 -12.49 -0.82
C ASN A 269 4.59 -12.49 0.11
N GLY A 270 5.76 -12.79 -0.46
CA GLY A 270 6.97 -12.93 0.31
C GLY A 270 7.81 -11.67 0.26
N LEU A 271 8.31 -11.26 1.42
CA LEU A 271 9.19 -10.12 1.51
C LEU A 271 10.32 -10.33 0.50
N GLY A 272 10.53 -9.34 -0.37
CA GLY A 272 11.64 -9.39 -1.31
C GLY A 272 11.39 -10.18 -2.57
N GLU A 273 10.16 -10.66 -2.78
CA GLU A 273 9.84 -11.47 -3.96
C GLU A 273 9.93 -10.66 -5.25
N ASN A 274 9.86 -9.33 -5.11
CA ASN A 274 10.02 -8.40 -6.22
C ASN A 274 10.64 -7.13 -5.66
N LEU A 275 11.54 -6.54 -6.47
CA LEU A 275 12.43 -5.48 -6.03
C LEU A 275 12.51 -4.32 -7.01
N THR A 276 12.91 -3.17 -6.46
CA THR A 276 13.34 -1.99 -7.20
C THR A 276 14.88 -1.98 -7.21
N ASP A 277 15.44 -1.63 -8.36
CA ASP A 277 16.89 -1.60 -8.51
C ASP A 277 17.43 -0.39 -7.77
N ASP A 278 18.66 -0.53 -7.30
CA ASP A 278 19.36 0.53 -6.58
C ASP A 278 19.33 1.90 -7.24
N ASP A 279 19.46 1.95 -8.56
CA ASP A 279 19.58 3.22 -9.27
C ASP A 279 18.29 3.96 -9.31
N THR A 280 17.19 3.23 -9.36
CA THR A 280 15.86 3.82 -9.30
C THR A 280 15.56 4.33 -7.89
N VAL A 281 15.96 3.58 -6.88
CA VAL A 281 15.83 4.04 -5.51
C VAL A 281 16.66 5.29 -5.29
N ARG A 282 17.89 5.33 -5.82
CA ARG A 282 18.67 6.59 -5.84
C ARG A 282 17.85 7.77 -6.34
N GLU A 283 17.18 7.57 -7.46
CA GLU A 283 16.41 8.63 -8.05
C GLU A 283 15.26 9.02 -7.17
N ILE A 284 14.61 8.06 -6.50
CA ILE A 284 13.49 8.38 -5.57
C ILE A 284 14.00 9.28 -4.43
N LEU A 285 15.16 8.96 -3.90
CA LEU A 285 15.70 9.69 -2.77
C LEU A 285 16.03 11.13 -3.15
N CYS A 286 16.53 11.29 -4.39
CA CYS A 286 16.98 12.57 -4.90
C CYS A 286 15.85 13.47 -5.28
N ARG A 287 14.76 12.90 -5.79
CA ARG A 287 13.54 13.66 -6.03
C ARG A 287 12.78 14.01 -4.77
N GLY A 288 12.81 13.12 -3.78
CA GLY A 288 12.02 13.33 -2.57
C GLY A 288 12.68 14.28 -1.58
N VAL A 289 11.97 14.52 -0.48
CA VAL A 289 12.42 15.38 0.58
C VAL A 289 13.58 14.71 1.31
N ASP A 290 14.51 15.53 1.78
CA ASP A 290 15.55 15.05 2.67
C ASP A 290 14.97 14.94 4.08
N LEU A 291 14.67 13.71 4.49
CA LEU A 291 14.01 13.48 5.78
C LEU A 291 14.98 13.09 6.91
N ILE A 292 16.29 13.21 6.68
CA ILE A 292 17.33 12.87 7.69
C ILE A 292 17.27 13.83 8.90
N GLY A 293 16.83 13.32 10.06
CA GLY A 293 16.36 14.15 11.21
C GLY A 293 14.85 14.45 11.33
N ARG A 294 14.00 13.71 10.58
CA ARG A 294 12.53 13.93 10.52
C ARG A 294 11.77 12.90 9.61
#